data_1BWG
#
_entry.id   1BWG
#
_cell.length_a   1.000
_cell.length_b   1.000
_cell.length_c   1.000
_cell.angle_alpha   90.00
_cell.angle_beta   90.00
_cell.angle_gamma   90.00
#
_symmetry.space_group_name_H-M   'P 1'
#
loop_
_entity.id
_entity.type
_entity.pdbx_description
1 polymer "DNA (5'-D(*GP*AP*CP*TP*GP*AP*GP*AP*GP*AP*CP*GP*TP*A)-3')"
2 polymer "DNA (5'-D(*TP*AP*CP*GP*TP*CP*TP*CP*TP*CP*AP*GP*TP*C)-3')"
3 polymer "DNA (5'-D(*CP*TP*CP*TP*CP*T)-3')"
#
loop_
_entity_poly.entity_id
_entity_poly.type
_entity_poly.pdbx_seq_one_letter_code
_entity_poly.pdbx_strand_id
1 'polydeoxyribonucleotide' (DG)(DA)(DC)(DT)(DG)(DA)(DG)(DA)(DG)(DA)(DC)(DG)(DT)(DA) A
2 'polydeoxyribonucleotide' (DT)(DA)(DC)(DG)(DT)(DC)(DT)(DC)(DT)(DC)(DA)(DG)(DT)(DC) B
3 'polydeoxyribonucleotide' (DC)(DT)(DC)(DT)(DC)(DT) C
#
loop_
_chem_comp.id
_chem_comp.type
_chem_comp.name
_chem_comp.formula
DA DNA linking 2'-DEOXYADENOSINE-5'-MONOPHOSPHATE 'C10 H14 N5 O6 P'
DC DNA linking 2'-DEOXYCYTIDINE-5'-MONOPHOSPHATE 'C9 H14 N3 O7 P'
DG DNA linking 2'-DEOXYGUANOSINE-5'-MONOPHOSPHATE 'C10 H14 N5 O7 P'
DT DNA linking THYMIDINE-5'-MONOPHOSPHATE 'C10 H15 N2 O8 P'
#